data_2TNF
#
_entry.id   2TNF
#
_cell.length_a   48.214
_cell.length_b   48.300
_cell.length_c   51.095
_cell.angle_alpha   114.81
_cell.angle_beta   103.65
_cell.angle_gamma   91.05
#
_symmetry.space_group_name_H-M   'P 1'
#
loop_
_entity.id
_entity.type
_entity.pdbx_description
1 polymer 'PROTEIN (TUMOR NECROSIS FACTOR ALPHA)'
2 non-polymer 2-AMINO-2-HYDROXYMETHYL-PROPANE-1,3-DIOL
3 non-polymer 'ISOPROPYL ALCOHOL'
4 water water
#
_entity_poly.entity_id   1
_entity_poly.type   'polypeptide(L)'
_entity_poly.pdbx_seq_one_letter_code
;LRSSSQNSSDKPVAHVVANHQVEEQLEWLSQRANALLANGMDLKDNQLVVPADGLYLVYSQVLFKGQGCPDYVLLTHTVS
RFAISYQEKVNLLSAVKSPCPKDTPEGAELKPWYEPIYLGGVFQLEKGDQLSAEVNLPKYLDFAESGQVYFGVIAL
;
_entity_poly.pdbx_strand_id   A,B,C
#
# COMPACT_ATOMS: atom_id res chain seq x y z
N SER A 9 -7.89 -22.25 1.53
CA SER A 9 -8.64 -23.16 0.61
C SER A 9 -10.13 -23.13 0.95
N ASP A 10 -10.45 -23.30 2.24
CA ASP A 10 -11.84 -23.23 2.63
C ASP A 10 -12.15 -21.96 3.43
N LYS A 11 -11.12 -21.13 3.63
CA LYS A 11 -11.23 -19.85 4.35
C LYS A 11 -11.98 -18.83 3.51
N PRO A 12 -12.84 -18.03 4.14
CA PRO A 12 -13.59 -17.00 3.40
C PRO A 12 -12.58 -16.07 2.72
N VAL A 13 -12.81 -15.77 1.45
CA VAL A 13 -11.90 -14.90 0.69
C VAL A 13 -12.62 -14.10 -0.38
N ALA A 14 -12.18 -12.85 -0.55
CA ALA A 14 -12.77 -12.00 -1.57
C ALA A 14 -11.75 -10.99 -2.08
N HIS A 15 -11.75 -10.82 -3.38
CA HIS A 15 -10.90 -9.84 -4.03
C HIS A 15 -11.78 -9.39 -5.18
N VAL A 16 -12.50 -8.29 -4.95
CA VAL A 16 -13.42 -7.74 -5.93
C VAL A 16 -12.82 -6.52 -6.60
N VAL A 17 -13.23 -6.27 -7.83
CA VAL A 17 -12.67 -5.18 -8.62
C VAL A 17 -13.73 -4.20 -9.13
N ALA A 18 -13.31 -3.00 -9.50
CA ALA A 18 -14.28 -2.01 -9.96
C ALA A 18 -14.89 -2.35 -11.31
N ASN A 19 -16.17 -2.06 -11.45
CA ASN A 19 -16.87 -2.25 -12.71
C ASN A 19 -16.31 -1.12 -13.61
N HIS A 20 -15.78 -1.49 -14.77
CA HIS A 20 -15.18 -0.53 -15.70
C HIS A 20 -16.17 0.09 -16.67
N GLN A 21 -17.37 -0.48 -16.76
CA GLN A 21 -18.39 0.00 -17.68
C GLN A 21 -19.06 1.34 -17.38
N VAL A 22 -19.26 1.65 -16.10
CA VAL A 22 -19.90 2.89 -15.71
C VAL A 22 -18.92 3.84 -15.04
N GLU A 23 -18.64 4.97 -15.71
CA GLU A 23 -17.71 5.97 -15.22
C GLU A 23 -18.32 6.76 -14.08
N GLU A 24 -17.46 7.39 -13.27
CA GLU A 24 -17.85 8.22 -12.13
C GLU A 24 -18.58 7.51 -10.98
N GLN A 25 -18.51 6.17 -10.95
CA GLN A 25 -19.16 5.36 -9.92
C GLN A 25 -18.27 4.19 -9.51
N LEU A 26 -18.35 3.81 -8.23
CA LEU A 26 -17.54 2.70 -7.72
C LEU A 26 -18.42 1.50 -7.39
N GLU A 27 -18.44 0.52 -8.29
CA GLU A 27 -19.24 -0.68 -8.13
C GLU A 27 -18.33 -1.89 -8.17
N TRP A 28 -18.30 -2.63 -7.07
CA TRP A 28 -17.46 -3.82 -6.94
C TRP A 28 -18.07 -5.04 -7.64
N LEU A 29 -17.23 -5.79 -8.35
CA LEU A 29 -17.65 -6.99 -9.08
C LEU A 29 -16.76 -8.18 -8.74
N SER A 30 -17.36 -9.38 -8.75
CA SER A 30 -16.62 -10.61 -8.52
C SER A 30 -16.51 -11.37 -9.85
N GLN A 31 -17.38 -11.04 -10.81
CA GLN A 31 -17.40 -11.71 -12.10
C GLN A 31 -16.36 -11.16 -13.09
N ARG A 32 -15.10 -11.33 -12.72
CA ARG A 32 -13.99 -10.89 -13.57
C ARG A 32 -12.86 -11.88 -13.39
N ALA A 33 -12.02 -11.95 -14.41
CA ALA A 33 -10.85 -12.78 -14.35
C ALA A 33 -10.01 -12.17 -13.24
N ASN A 34 -9.44 -13.03 -12.42
CA ASN A 34 -8.60 -12.62 -11.31
C ASN A 34 -9.29 -11.90 -10.16
N ALA A 35 -10.60 -12.11 -10.06
CA ALA A 35 -11.40 -11.58 -8.95
C ALA A 35 -11.84 -12.85 -8.17
N LEU A 36 -12.25 -12.69 -6.92
CA LEU A 36 -12.65 -13.82 -6.08
C LEU A 36 -13.76 -13.41 -5.14
N LEU A 37 -14.58 -14.40 -4.77
CA LEU A 37 -15.68 -14.23 -3.81
C LEU A 37 -16.02 -15.67 -3.49
N ALA A 38 -15.40 -16.19 -2.43
CA ALA A 38 -15.60 -17.59 -2.09
C ALA A 38 -15.61 -17.91 -0.61
N ASN A 39 -15.96 -19.17 -0.34
CA ASN A 39 -15.98 -19.74 1.00
C ASN A 39 -16.79 -18.98 2.04
N GLY A 40 -17.92 -18.42 1.61
CA GLY A 40 -18.76 -17.71 2.55
C GLY A 40 -18.83 -16.21 2.41
N MET A 41 -17.81 -15.59 1.82
CA MET A 41 -17.83 -14.15 1.63
C MET A 41 -19.00 -13.84 0.71
N ASP A 42 -19.69 -12.74 0.99
CA ASP A 42 -20.81 -12.33 0.17
C ASP A 42 -20.64 -10.87 -0.21
N LEU A 43 -21.21 -10.51 -1.37
CA LEU A 43 -21.18 -9.14 -1.86
C LEU A 43 -22.64 -8.76 -1.94
N LYS A 44 -23.02 -7.79 -1.15
CA LYS A 44 -24.40 -7.34 -1.11
C LYS A 44 -24.43 -5.85 -0.93
N ASP A 45 -25.17 -5.16 -1.80
CA ASP A 45 -25.32 -3.70 -1.77
C ASP A 45 -23.97 -3.00 -1.80
N ASN A 46 -23.07 -3.53 -2.62
CA ASN A 46 -21.71 -3.02 -2.81
C ASN A 46 -20.78 -3.19 -1.62
N GLN A 47 -21.16 -4.05 -0.68
CA GLN A 47 -20.36 -4.28 0.53
C GLN A 47 -20.00 -5.75 0.69
N LEU A 48 -18.83 -6.01 1.26
CA LEU A 48 -18.38 -7.37 1.52
C LEU A 48 -18.82 -7.73 2.93
N VAL A 49 -19.56 -8.84 3.04
CA VAL A 49 -20.09 -9.34 4.31
C VAL A 49 -19.33 -10.58 4.75
N VAL A 50 -18.81 -10.57 5.97
CA VAL A 50 -18.06 -11.73 6.47
C VAL A 50 -19.03 -12.75 7.09
N PRO A 51 -18.79 -14.03 6.83
CA PRO A 51 -19.65 -15.11 7.35
C PRO A 51 -19.43 -15.56 8.80
N ALA A 52 -18.40 -15.03 9.46
CA ALA A 52 -18.11 -15.45 10.82
C ALA A 52 -17.19 -14.51 11.62
N ASP A 53 -17.21 -14.68 12.94
CA ASP A 53 -16.34 -13.92 13.85
C ASP A 53 -14.94 -14.39 13.52
N GLY A 54 -13.96 -13.50 13.60
CA GLY A 54 -12.60 -13.93 13.32
C GLY A 54 -11.73 -12.80 12.83
N LEU A 55 -10.48 -13.15 12.56
CA LEU A 55 -9.49 -12.21 12.04
C LEU A 55 -9.53 -12.18 10.54
N TYR A 56 -9.50 -10.97 9.97
CA TYR A 56 -9.52 -10.79 8.53
C TYR A 56 -8.55 -9.71 8.07
N LEU A 57 -7.84 -10.00 6.99
CA LEU A 57 -6.97 -9.01 6.36
C LEU A 57 -7.94 -8.29 5.39
N VAL A 58 -8.00 -6.97 5.50
CA VAL A 58 -8.87 -6.15 4.67
C VAL A 58 -8.00 -5.13 3.96
N TYR A 59 -8.17 -5.00 2.65
CA TYR A 59 -7.34 -4.05 1.90
C TYR A 59 -8.10 -3.52 0.70
N SER A 60 -7.61 -2.40 0.16
CA SER A 60 -8.24 -1.79 -0.99
C SER A 60 -7.33 -0.78 -1.65
N GLN A 61 -7.45 -0.69 -2.97
CA GLN A 61 -6.69 0.28 -3.73
C GLN A 61 -7.63 1.00 -4.69
N VAL A 62 -7.41 2.30 -4.85
CA VAL A 62 -8.14 3.09 -5.83
C VAL A 62 -7.10 3.92 -6.60
N LEU A 63 -7.46 4.27 -7.82
CA LEU A 63 -6.60 5.09 -8.67
C LEU A 63 -7.47 6.23 -9.13
N PHE A 64 -6.96 7.45 -8.93
CA PHE A 64 -7.66 8.65 -9.37
C PHE A 64 -6.91 9.25 -10.56
N LYS A 65 -7.64 9.98 -11.41
CA LYS A 65 -7.07 10.63 -12.57
C LYS A 65 -7.85 11.92 -12.80
N GLY A 66 -7.15 12.98 -13.19
CA GLY A 66 -7.80 14.23 -13.47
C GLY A 66 -7.12 14.90 -14.66
N GLN A 67 -7.88 15.74 -15.36
CA GLN A 67 -7.35 16.45 -16.52
C GLN A 67 -6.96 17.85 -16.04
N GLY A 68 -5.70 18.01 -15.68
CA GLY A 68 -5.23 19.28 -15.19
C GLY A 68 -5.85 19.60 -13.84
N CYS A 69 -5.61 20.82 -13.39
CA CYS A 69 -6.12 21.28 -12.11
C CYS A 69 -6.92 22.57 -12.19
N PRO A 70 -8.19 22.48 -12.65
CA PRO A 70 -9.04 23.67 -12.76
C PRO A 70 -9.22 24.30 -11.37
N ASP A 71 -9.23 23.44 -10.36
CA ASP A 71 -9.35 23.86 -8.97
C ASP A 71 -8.92 22.78 -7.98
N TYR A 72 -8.72 23.21 -6.73
CA TYR A 72 -8.30 22.34 -5.63
C TYR A 72 -9.30 21.21 -5.37
N VAL A 73 -8.78 19.98 -5.24
CA VAL A 73 -9.61 18.82 -4.96
C VAL A 73 -8.99 17.99 -3.84
N LEU A 74 -9.83 17.49 -2.95
CA LEU A 74 -9.37 16.67 -1.84
C LEU A 74 -9.92 15.28 -2.09
N LEU A 75 -9.03 14.32 -2.29
CA LEU A 75 -9.43 12.95 -2.58
C LEU A 75 -9.29 12.07 -1.34
N THR A 76 -10.33 11.32 -1.00
CA THR A 76 -10.24 10.41 0.16
C THR A 76 -10.67 9.03 -0.27
N HIS A 77 -10.15 8.03 0.44
CA HIS A 77 -10.46 6.62 0.18
C HIS A 77 -10.61 6.04 1.60
N THR A 78 -11.70 5.33 1.85
CA THR A 78 -11.95 4.80 3.19
C THR A 78 -12.58 3.42 3.22
N VAL A 79 -12.06 2.55 4.08
CA VAL A 79 -12.66 1.23 4.28
C VAL A 79 -13.33 1.32 5.65
N SER A 80 -14.64 1.10 5.67
CA SER A 80 -15.37 1.20 6.90
C SER A 80 -16.03 -0.12 7.28
N ARG A 81 -16.40 -0.21 8.55
CA ARG A 81 -17.06 -1.38 9.08
C ARG A 81 -18.43 -1.00 9.57
N PHE A 82 -19.44 -1.75 9.15
CA PHE A 82 -20.79 -1.50 9.66
C PHE A 82 -21.07 -2.75 10.50
N ALA A 83 -20.96 -2.55 11.82
CA ALA A 83 -21.16 -3.60 12.79
C ALA A 83 -22.63 -3.98 12.92
N ILE A 84 -22.91 -5.24 12.65
CA ILE A 84 -24.26 -5.80 12.73
C ILE A 84 -24.84 -5.67 14.15
N SER A 85 -23.96 -5.71 15.15
CA SER A 85 -24.37 -5.59 16.54
C SER A 85 -24.62 -4.14 16.90
N TYR A 86 -23.56 -3.33 16.89
CA TYR A 86 -23.63 -1.89 17.22
C TYR A 86 -24.69 -1.12 16.44
N GLN A 87 -24.64 -1.25 15.10
CA GLN A 87 -25.52 -0.57 14.16
C GLN A 87 -24.97 0.77 13.68
N GLU A 88 -23.63 0.87 13.65
CA GLU A 88 -22.99 2.09 13.17
C GLU A 88 -21.76 1.82 12.31
N LYS A 89 -21.45 2.79 11.45
CA LYS A 89 -20.32 2.73 10.53
C LYS A 89 -19.08 3.44 11.11
N VAL A 90 -18.00 2.68 11.21
CA VAL A 90 -16.74 3.18 11.73
C VAL A 90 -15.65 3.01 10.68
N ASN A 91 -14.75 3.98 10.56
CA ASN A 91 -13.69 3.83 9.57
C ASN A 91 -12.57 2.95 10.13
N LEU A 92 -12.13 1.99 9.33
CA LEU A 92 -11.03 1.09 9.71
C LEU A 92 -9.70 1.55 9.11
N LEU A 93 -9.76 2.03 7.87
CA LEU A 93 -8.59 2.49 7.12
C LEU A 93 -9.02 3.69 6.30
N SER A 94 -8.15 4.70 6.22
CA SER A 94 -8.50 5.89 5.45
C SER A 94 -7.24 6.68 5.08
N ALA A 95 -7.29 7.36 3.94
CA ALA A 95 -6.16 8.19 3.50
C ALA A 95 -6.71 9.33 2.65
N VAL A 96 -5.89 10.38 2.53
CA VAL A 96 -6.30 11.57 1.80
C VAL A 96 -5.16 11.96 0.86
N LYS A 97 -5.53 12.58 -0.27
CA LYS A 97 -4.57 13.07 -1.25
C LYS A 97 -5.06 14.36 -1.85
N SER A 98 -4.13 15.26 -2.12
CA SER A 98 -4.41 16.58 -2.72
C SER A 98 -3.56 16.66 -3.99
N PRO A 99 -4.12 16.27 -5.14
CA PRO A 99 -3.41 16.28 -6.43
C PRO A 99 -3.21 17.65 -7.06
N CYS A 100 -4.01 18.62 -6.63
CA CYS A 100 -3.96 19.96 -7.20
C CYS A 100 -3.56 21.06 -6.22
N PRO A 101 -2.23 21.28 -6.07
CA PRO A 101 -1.66 22.31 -5.19
C PRO A 101 -2.17 23.70 -5.59
N LYS A 102 -1.96 24.08 -6.85
CA LYS A 102 -2.46 25.36 -7.36
C LYS A 102 -3.14 25.12 -8.70
N ASP A 103 -4.05 26.04 -9.05
CA ASP A 103 -4.78 25.96 -10.31
C ASP A 103 -3.90 26.57 -11.40
N THR A 104 -2.72 25.97 -11.56
CA THR A 104 -1.68 26.37 -12.50
C THR A 104 -2.14 26.94 -13.86
N PRO A 105 -3.01 26.21 -14.59
CA PRO A 105 -3.53 26.63 -15.90
C PRO A 105 -3.55 28.11 -16.32
N GLU A 106 -4.71 28.76 -16.22
CA GLU A 106 -4.88 30.15 -16.65
C GLU A 106 -4.53 30.21 -18.13
N GLY A 107 -5.19 29.34 -18.90
CA GLY A 107 -4.96 29.26 -20.33
C GLY A 107 -3.98 28.16 -20.71
N ALA A 108 -3.16 27.73 -19.75
CA ALA A 108 -2.14 26.69 -19.97
C ALA A 108 -2.66 25.30 -20.36
N GLU A 109 -1.71 24.37 -20.51
CA GLU A 109 -2.00 23.00 -20.90
C GLU A 109 -2.55 22.16 -19.74
N LEU A 110 -3.64 21.44 -20.00
CA LEU A 110 -4.25 20.57 -18.97
C LEU A 110 -3.68 19.16 -19.11
N LYS A 111 -2.59 18.88 -18.40
CA LYS A 111 -1.98 17.55 -18.46
C LYS A 111 -2.62 16.65 -17.43
N PRO A 112 -2.89 15.38 -17.80
CA PRO A 112 -3.50 14.52 -16.79
C PRO A 112 -2.59 14.19 -15.61
N TRP A 113 -3.19 14.03 -14.44
CA TRP A 113 -2.45 13.65 -13.23
C TRP A 113 -3.06 12.32 -12.75
N TYR A 114 -2.28 11.52 -12.04
CA TYR A 114 -2.74 10.24 -11.54
C TYR A 114 -2.31 10.09 -10.09
N GLU A 115 -3.21 9.55 -9.27
CA GLU A 115 -2.92 9.37 -7.86
C GLU A 115 -3.55 8.09 -7.30
N PRO A 116 -2.70 7.13 -6.87
CA PRO A 116 -3.20 5.88 -6.29
C PRO A 116 -3.23 5.97 -4.77
N ILE A 117 -4.11 5.19 -4.14
CA ILE A 117 -4.13 5.11 -2.70
C ILE A 117 -4.30 3.66 -2.36
N TYR A 118 -3.48 3.16 -1.43
CA TYR A 118 -3.55 1.78 -0.94
C TYR A 118 -3.85 1.76 0.58
N LEU A 119 -4.76 0.89 1.00
CA LEU A 119 -5.13 0.72 2.42
C LEU A 119 -5.11 -0.77 2.74
N GLY A 120 -4.71 -1.12 3.95
CA GLY A 120 -4.69 -2.53 4.33
C GLY A 120 -4.37 -2.76 5.80
N GLY A 121 -5.10 -3.69 6.43
CA GLY A 121 -4.84 -3.97 7.83
C GLY A 121 -5.59 -5.21 8.29
N VAL A 122 -5.22 -5.73 9.47
CA VAL A 122 -5.90 -6.91 10.01
C VAL A 122 -6.86 -6.46 11.10
N PHE A 123 -8.07 -7.02 11.07
CA PHE A 123 -9.11 -6.66 12.03
C PHE A 123 -9.90 -7.85 12.53
N GLN A 124 -10.33 -7.75 13.78
CA GLN A 124 -11.20 -8.78 14.38
C GLN A 124 -12.62 -8.32 14.02
N LEU A 125 -13.35 -9.15 13.28
CA LEU A 125 -14.69 -8.81 12.85
C LEU A 125 -15.71 -9.83 13.35
N GLU A 126 -16.97 -9.43 13.34
CA GLU A 126 -18.06 -10.30 13.78
C GLU A 126 -18.90 -10.76 12.60
N LYS A 127 -19.52 -11.93 12.76
CA LYS A 127 -20.38 -12.51 11.75
C LYS A 127 -21.42 -11.49 11.28
N GLY A 128 -21.57 -11.34 9.97
CA GLY A 128 -22.54 -10.39 9.45
C GLY A 128 -22.04 -8.95 9.30
N ASP A 129 -20.85 -8.64 9.81
CA ASP A 129 -20.31 -7.28 9.66
C ASP A 129 -20.19 -6.99 8.16
N GLN A 130 -20.52 -5.76 7.78
CA GLN A 130 -20.47 -5.33 6.38
C GLN A 130 -19.31 -4.34 6.18
N LEU A 131 -18.44 -4.65 5.23
CA LEU A 131 -17.29 -3.80 4.93
C LEU A 131 -17.49 -3.06 3.63
N SER A 132 -17.20 -1.77 3.64
CA SER A 132 -17.33 -0.98 2.44
C SER A 132 -15.99 -0.28 2.14
N ALA A 133 -15.69 -0.11 0.86
CA ALA A 133 -14.48 0.57 0.39
C ALA A 133 -15.05 1.63 -0.56
N GLU A 134 -14.95 2.89 -0.15
CA GLU A 134 -15.49 4.00 -0.92
C GLU A 134 -14.54 5.19 -1.03
N VAL A 135 -14.85 6.09 -1.96
CA VAL A 135 -14.09 7.32 -2.17
C VAL A 135 -15.10 8.46 -2.11
N ASN A 136 -14.63 9.66 -1.80
CA ASN A 136 -15.53 10.81 -1.70
C ASN A 136 -15.99 11.32 -3.04
N LEU A 137 -15.10 11.30 -4.03
CA LEU A 137 -15.42 11.81 -5.36
C LEU A 137 -15.11 10.75 -6.45
N PRO A 138 -16.05 9.81 -6.66
CA PRO A 138 -15.85 8.76 -7.66
C PRO A 138 -15.69 9.25 -9.11
N LYS A 139 -15.99 10.52 -9.35
CA LYS A 139 -15.83 11.08 -10.69
C LYS A 139 -14.39 11.03 -11.19
N TYR A 140 -13.43 10.97 -10.27
CA TYR A 140 -12.00 10.92 -10.63
C TYR A 140 -11.44 9.49 -10.71
N LEU A 141 -12.25 8.48 -10.46
CA LEU A 141 -11.75 7.11 -10.50
C LEU A 141 -11.33 6.70 -11.91
N ASP A 142 -10.24 5.94 -12.01
CA ASP A 142 -9.77 5.47 -13.30
C ASP A 142 -9.75 3.95 -13.34
N PHE A 143 -10.56 3.37 -14.24
CA PHE A 143 -10.70 1.91 -14.44
C PHE A 143 -10.20 1.49 -15.81
N ALA A 144 -9.54 2.39 -16.53
CA ALA A 144 -9.02 2.13 -17.89
C ALA A 144 -8.41 0.74 -18.03
N GLU A 145 -7.57 0.37 -17.07
CA GLU A 145 -6.90 -0.93 -17.07
C GLU A 145 -7.37 -1.77 -15.88
N SER A 146 -7.17 -3.07 -16.00
CA SER A 146 -7.52 -3.98 -14.92
C SER A 146 -6.41 -3.88 -13.87
N GLY A 147 -6.76 -4.24 -12.63
CA GLY A 147 -5.82 -4.23 -11.52
C GLY A 147 -5.62 -2.89 -10.84
N GLN A 148 -6.41 -1.88 -11.23
CA GLN A 148 -6.23 -0.54 -10.68
C GLN A 148 -7.07 -0.15 -9.50
N VAL A 149 -8.27 -0.73 -9.42
CA VAL A 149 -9.20 -0.45 -8.32
C VAL A 149 -9.72 -1.80 -7.81
N TYR A 150 -9.48 -2.08 -6.52
CA TYR A 150 -9.85 -3.37 -5.93
C TYR A 150 -10.11 -3.29 -4.44
N PHE A 151 -10.73 -4.35 -3.92
CA PHE A 151 -11.15 -4.40 -2.51
C PHE A 151 -11.13 -5.86 -2.12
N GLY A 152 -10.36 -6.18 -1.09
CA GLY A 152 -10.25 -7.57 -0.66
C GLY A 152 -10.43 -7.77 0.83
N VAL A 153 -10.91 -8.95 1.18
CA VAL A 153 -11.14 -9.33 2.58
C VAL A 153 -10.77 -10.80 2.63
N ILE A 154 -9.80 -11.16 3.46
CA ILE A 154 -9.43 -12.54 3.55
C ILE A 154 -9.35 -13.05 4.99
N ALA A 155 -10.05 -14.16 5.25
CA ALA A 155 -10.05 -14.73 6.59
C ALA A 155 -8.70 -15.35 6.92
N LEU A 156 -8.19 -15.03 8.10
CA LEU A 156 -6.92 -15.58 8.56
C LEU A 156 -7.18 -16.86 9.40
N SER B 9 -7.12 -18.03 15.23
CA SER B 9 -7.40 -17.35 16.53
C SER B 9 -6.27 -17.55 17.55
N ASP B 10 -5.20 -18.25 17.13
CA ASP B 10 -4.05 -18.46 18.00
C ASP B 10 -2.82 -17.76 17.45
N LYS B 11 -2.93 -17.25 16.22
CA LYS B 11 -1.83 -16.55 15.56
C LYS B 11 -1.49 -15.20 16.16
N PRO B 12 -0.20 -14.96 16.50
CA PRO B 12 0.21 -13.67 17.06
C PRO B 12 -0.27 -12.61 16.07
N VAL B 13 -0.93 -11.58 16.58
CA VAL B 13 -1.48 -10.53 15.73
C VAL B 13 -1.51 -9.17 16.42
N ALA B 14 -1.24 -8.13 15.65
CA ALA B 14 -1.26 -6.77 16.17
C ALA B 14 -1.60 -5.79 15.07
N HIS B 15 -2.40 -4.79 15.43
CA HIS B 15 -2.76 -3.71 14.53
C HIS B 15 -2.90 -2.55 15.51
N VAL B 16 -1.82 -1.80 15.66
CA VAL B 16 -1.80 -0.66 16.57
C VAL B 16 -1.97 0.66 15.80
N VAL B 17 -2.50 1.67 16.47
CA VAL B 17 -2.79 2.94 15.82
C VAL B 17 -2.18 4.14 16.53
N ALA B 18 -2.03 5.24 15.81
CA ALA B 18 -1.43 6.42 16.41
C ALA B 18 -2.29 7.06 17.50
N ASN B 19 -1.64 7.51 18.56
CA ASN B 19 -2.29 8.21 19.64
C ASN B 19 -2.60 9.59 19.07
N HIS B 20 -3.87 9.92 18.91
CA HIS B 20 -4.32 11.20 18.35
C HIS B 20 -4.25 12.40 19.31
N GLN B 21 -3.92 12.14 20.58
CA GLN B 21 -3.86 13.20 21.58
C GLN B 21 -2.45 13.79 21.74
N VAL B 22 -1.48 13.24 21.02
CA VAL B 22 -0.10 13.70 21.09
C VAL B 22 0.32 14.25 19.72
N GLU B 23 -0.17 15.44 19.39
CA GLU B 23 0.14 16.08 18.11
C GLU B 23 1.64 16.17 17.86
N GLU B 24 2.02 16.05 16.59
CA GLU B 24 3.43 16.12 16.16
C GLU B 24 4.35 15.03 16.70
N GLN B 25 3.79 13.91 17.16
CA GLN B 25 4.59 12.79 17.66
C GLN B 25 3.91 11.46 17.32
N LEU B 26 4.68 10.38 17.20
CA LEU B 26 4.12 9.08 16.84
C LEU B 26 4.19 8.04 17.95
N GLU B 27 3.07 7.83 18.63
CA GLU B 27 2.95 6.86 19.72
C GLU B 27 1.89 5.82 19.37
N TRP B 28 2.30 4.57 19.27
CA TRP B 28 1.40 3.47 18.92
C TRP B 28 0.54 3.00 20.11
N LEU B 29 -0.75 2.81 19.87
CA LEU B 29 -1.69 2.36 20.91
C LEU B 29 -2.47 1.13 20.50
N SER B 30 -2.84 0.30 21.48
CA SER B 30 -3.65 -0.90 21.23
C SER B 30 -5.06 -0.68 21.81
N GLN B 31 -5.17 0.26 22.76
CA GLN B 31 -6.44 0.57 23.41
C GLN B 31 -7.41 1.45 22.60
N ARG B 32 -7.82 0.91 21.45
CA ARG B 32 -8.79 1.57 20.55
C ARG B 32 -9.64 0.40 20.06
N ALA B 33 -10.94 0.63 19.83
CA ALA B 33 -11.87 -0.45 19.47
C ALA B 33 -11.53 -1.34 18.28
N ASN B 34 -10.91 -0.75 17.26
CA ASN B 34 -10.52 -1.49 16.07
C ASN B 34 -9.02 -1.68 15.94
N ALA B 35 -8.34 -1.75 17.08
CA ALA B 35 -6.91 -2.02 17.16
C ALA B 35 -6.79 -3.42 17.78
N LEU B 36 -5.61 -4.03 17.67
CA LEU B 36 -5.39 -5.38 18.20
C LEU B 36 -3.99 -5.56 18.71
N LEU B 37 -3.85 -6.39 19.73
CA LEU B 37 -2.57 -6.75 20.29
C LEU B 37 -2.87 -8.06 21.02
N ALA B 38 -2.73 -9.16 20.29
CA ALA B 38 -3.08 -10.47 20.83
C ALA B 38 -2.17 -11.64 20.45
N ASN B 39 -2.48 -12.78 21.08
CA ASN B 39 -1.80 -14.04 20.88
C ASN B 39 -0.28 -14.03 21.00
N GLY B 40 0.25 -13.27 21.95
CA GLY B 40 1.69 -13.21 22.15
C GLY B 40 2.39 -11.94 21.71
N MET B 41 1.76 -11.17 20.83
CA MET B 41 2.35 -9.90 20.39
C MET B 41 2.40 -8.92 21.56
N ASP B 42 3.54 -8.27 21.74
CA ASP B 42 3.71 -7.28 22.80
C ASP B 42 4.06 -5.96 22.17
N LEU B 43 3.71 -4.87 22.86
CA LEU B 43 4.03 -3.52 22.43
C LEU B 43 4.86 -3.00 23.60
N LYS B 44 6.15 -2.74 23.37
CA LYS B 44 7.02 -2.24 24.43
C LYS B 44 7.95 -1.19 23.86
N ASP B 45 8.08 -0.08 24.55
CA ASP B 45 8.91 1.05 24.12
C ASP B 45 8.58 1.44 22.66
N ASN B 46 7.29 1.53 22.36
CA ASN B 46 6.77 1.93 21.06
C ASN B 46 7.07 0.97 19.91
N GLN B 47 7.51 -0.25 20.24
CA GLN B 47 7.84 -1.25 19.22
C GLN B 47 7.03 -2.53 19.39
N LEU B 48 6.73 -3.17 18.26
CA LEU B 48 6.01 -4.45 18.28
C LEU B 48 7.03 -5.56 18.41
N VAL B 49 6.83 -6.40 19.43
CA VAL B 49 7.73 -7.52 19.71
C VAL B 49 7.04 -8.84 19.37
N VAL B 50 7.74 -9.61 18.54
CA VAL B 50 7.29 -10.90 18.06
C VAL B 50 7.54 -11.99 19.13
N PRO B 51 6.57 -12.89 19.37
CA PRO B 51 6.73 -13.94 20.38
C PRO B 51 7.37 -15.29 19.99
N ALA B 52 7.55 -15.51 18.69
CA ALA B 52 8.10 -16.75 18.21
C ALA B 52 8.72 -16.62 16.82
N ASP B 53 9.66 -17.50 16.53
CA ASP B 53 10.32 -17.52 15.22
C ASP B 53 9.23 -17.83 14.22
N GLY B 54 9.28 -17.22 13.06
CA GLY B 54 8.28 -17.52 12.06
C GLY B 54 8.16 -16.42 11.04
N LEU B 55 7.27 -16.64 10.07
CA LEU B 55 6.98 -15.68 9.01
C LEU B 55 5.88 -14.76 9.49
N TYR B 56 6.06 -13.46 9.25
CA TYR B 56 5.10 -12.45 9.64
C TYR B 56 4.89 -11.42 8.55
N LEU B 57 3.64 -11.05 8.36
CA LEU B 57 3.27 -9.99 7.43
C LEU B 57 3.36 -8.75 8.30
N VAL B 58 4.21 -7.81 7.91
CA VAL B 58 4.43 -6.58 8.65
C VAL B 58 4.04 -5.43 7.73
N TYR B 59 3.22 -4.51 8.24
CA TYR B 59 2.76 -3.39 7.43
C TYR B 59 2.56 -2.15 8.27
N SER B 60 2.48 -0.99 7.60
CA SER B 60 2.25 0.26 8.29
C SER B 60 1.87 1.32 7.31
N GLN B 61 1.03 2.23 7.76
CA GLN B 61 0.64 3.38 6.96
C GLN B 61 0.74 4.65 7.79
N VAL B 62 1.18 5.72 7.15
CA VAL B 62 1.19 7.03 7.79
C VAL B 62 0.53 7.99 6.81
N LEU B 63 -0.03 9.07 7.34
CA LEU B 63 -0.62 10.12 6.53
C LEU B 63 0.00 11.42 7.00
N PHE B 64 0.54 12.17 6.05
CA PHE B 64 1.17 13.44 6.38
C PHE B 64 0.30 14.55 5.83
N LYS B 65 0.34 15.69 6.50
CA LYS B 65 -0.43 16.87 6.10
C LYS B 65 0.38 18.14 6.40
N GLY B 66 0.20 19.16 5.59
CA GLY B 66 0.91 20.42 5.81
C GLY B 66 0.15 21.55 5.16
N GLN B 67 0.31 22.76 5.68
CA GLN B 67 -0.37 23.94 5.14
C GLN B 67 0.69 24.84 4.54
N GLY B 68 0.54 25.14 3.26
CA GLY B 68 1.50 25.96 2.57
C GLY B 68 2.73 25.10 2.40
N CYS B 69 3.79 25.71 1.91
CA CYS B 69 5.04 24.99 1.72
C CYS B 69 6.20 25.95 1.94
N PRO B 70 6.38 26.44 3.19
CA PRO B 70 7.48 27.36 3.52
C PRO B 70 8.83 26.66 3.48
N ASP B 71 8.81 25.33 3.57
CA ASP B 71 10.04 24.54 3.55
C ASP B 71 9.98 23.37 2.58
N TYR B 72 11.10 23.11 1.91
CA TYR B 72 11.18 21.95 1.05
C TYR B 72 11.42 20.85 2.08
N VAL B 73 10.58 19.83 2.07
CA VAL B 73 10.70 18.76 3.05
C VAL B 73 10.74 17.39 2.41
N LEU B 74 11.56 16.51 2.96
CA LEU B 74 11.65 15.13 2.50
C LEU B 74 11.07 14.31 3.64
N LEU B 75 9.95 13.67 3.37
CA LEU B 75 9.27 12.87 4.37
C LEU B 75 9.62 11.39 4.19
N THR B 76 9.97 10.71 5.28
CA THR B 76 10.28 9.29 5.18
C THR B 76 9.45 8.49 6.19
N HIS B 77 9.20 7.23 5.86
CA HIS B 77 8.43 6.32 6.69
C HIS B 77 9.21 5.03 6.60
N THR B 78 9.57 4.45 7.74
CA THR B 78 10.38 3.24 7.74
C THR B 78 9.98 2.21 8.79
N VAL B 79 9.93 0.94 8.37
CA VAL B 79 9.66 -0.17 9.27
C VAL B 79 10.99 -0.89 9.40
N SER B 80 11.48 -1.02 10.63
CA SER B 80 12.77 -1.66 10.88
C SER B 80 12.71 -2.86 11.77
N ARG B 81 13.76 -3.67 11.70
CA ARG B 81 13.94 -4.87 12.50
C ARG B 81 15.15 -4.72 13.42
N PHE B 82 14.99 -5.12 14.68
CA PHE B 82 16.09 -5.05 15.64
C PHE B 82 16.08 -6.21 16.63
N ALA B 83 17.28 -6.64 16.98
CA ALA B 83 17.53 -7.70 17.97
C ALA B 83 18.79 -7.22 18.68
N ILE B 84 18.90 -7.52 19.98
CA ILE B 84 20.06 -7.10 20.80
C ILE B 84 21.45 -7.34 20.17
N SER B 85 21.61 -8.44 19.43
CA SER B 85 22.90 -8.75 18.83
C SER B 85 23.26 -7.87 17.63
N TYR B 86 22.31 -7.07 17.15
CA TYR B 86 22.53 -6.20 15.98
C TYR B 86 23.38 -4.98 16.27
N GLN B 87 24.12 -4.55 15.25
CA GLN B 87 24.96 -3.35 15.31
C GLN B 87 23.97 -2.20 15.48
N GLU B 88 22.92 -2.22 14.65
CA GLU B 88 21.85 -1.23 14.66
C GLU B 88 20.64 -1.80 13.92
N LYS B 89 19.53 -1.07 13.93
CA LYS B 89 18.34 -1.54 13.26
C LYS B 89 18.47 -1.57 11.74
N VAL B 90 17.79 -2.53 11.11
CA VAL B 90 17.83 -2.65 9.67
C VAL B 90 16.46 -2.40 9.05
N ASN B 91 16.47 -1.66 7.94
CA ASN B 91 15.27 -1.33 7.18
C ASN B 91 14.65 -2.61 6.62
N LEU B 92 13.36 -2.78 6.82
CA LEU B 92 12.65 -3.91 6.21
C LEU B 92 11.83 -3.30 5.06
N LEU B 93 11.25 -2.13 5.32
CA LEU B 93 10.40 -1.43 4.35
C LEU B 93 10.61 0.07 4.55
N SER B 94 10.63 0.84 3.46
CA SER B 94 10.82 2.27 3.60
C SER B 94 10.39 3.00 2.33
N ALA B 95 9.97 4.24 2.47
CA ALA B 95 9.55 5.05 1.34
C ALA B 95 9.79 6.52 1.68
N VAL B 96 9.82 7.36 0.64
CA VAL B 96 10.07 8.78 0.79
C VAL B 96 9.07 9.56 -0.05
N LYS B 97 8.72 10.75 0.44
CA LYS B 97 7.83 11.66 -0.25
C LYS B 97 8.35 13.08 -0.09
N SER B 98 8.09 13.92 -1.10
CA SER B 98 8.52 15.33 -1.13
C SER B 98 7.27 16.10 -1.55
N PRO B 99 6.47 16.56 -0.58
CA PRO B 99 5.24 17.29 -0.88
C PRO B 99 5.36 18.72 -1.39
N CYS B 100 6.51 19.34 -1.15
CA CYS B 100 6.72 20.75 -1.49
C CYS B 100 7.89 21.14 -2.41
N PRO B 101 7.72 22.27 -3.14
CA PRO B 101 8.76 22.78 -4.04
C PRO B 101 9.71 23.65 -3.18
N LYS B 102 10.96 23.82 -3.61
CA LYS B 102 11.95 24.64 -2.87
C LYS B 102 11.47 26.07 -2.59
N ASP B 103 10.87 26.66 -3.62
CA ASP B 103 10.34 28.02 -3.56
C ASP B 103 9.06 28.07 -2.74
N THR B 104 8.99 28.98 -1.77
CA THR B 104 7.79 29.13 -0.95
C THR B 104 6.71 29.74 -1.87
N PRO B 105 5.67 28.96 -2.20
CA PRO B 105 4.56 29.40 -3.08
C PRO B 105 3.88 30.71 -2.61
N GLU B 106 3.64 31.61 -3.56
CA GLU B 106 3.01 32.90 -3.27
C GLU B 106 1.57 32.83 -2.81
N GLY B 107 1.18 33.80 -1.97
CA GLY B 107 -0.20 33.87 -1.49
C GLY B 107 -0.50 33.38 -0.10
N ALA B 108 -1.48 34.04 0.53
CA ALA B 108 -1.95 33.68 1.87
C ALA B 108 -3.15 32.74 1.73
N GLU B 109 -3.72 32.31 2.87
CA GLU B 109 -4.87 31.38 2.89
C GLU B 109 -4.46 30.11 2.14
N LEU B 110 -3.40 29.49 2.63
CA LEU B 110 -2.81 28.27 2.07
C LEU B 110 -3.75 27.05 2.14
N LYS B 111 -3.80 26.27 1.05
CA LYS B 111 -4.63 25.05 1.02
C LYS B 111 -3.72 23.91 1.49
N PRO B 112 -4.23 23.02 2.36
CA PRO B 112 -3.33 21.94 2.80
C PRO B 112 -3.00 20.86 1.79
N TRP B 113 -1.83 20.23 1.96
CA TRP B 113 -1.43 19.13 1.11
C TRP B 113 -1.50 17.89 2.00
N TYR B 114 -1.76 16.75 1.38
CA TYR B 114 -1.86 15.46 2.09
C TYR B 114 -1.05 14.41 1.34
N GLU B 115 -0.28 13.62 2.09
CA GLU B 115 0.56 12.57 1.49
C GLU B 115 0.55 11.29 2.31
N PRO B 116 0.00 10.20 1.74
CA PRO B 116 -0.02 8.93 2.49
C PRO B 116 1.11 8.03 2.03
N ILE B 117 1.53 7.12 2.90
CA ILE B 117 2.54 6.14 2.55
C ILE B 117 2.13 4.81 3.17
N TYR B 118 2.13 3.76 2.37
CA TYR B 118 1.79 2.41 2.82
C TYR B 118 2.99 1.47 2.58
N LEU B 119 3.35 0.70 3.60
CA LEU B 119 4.46 -0.24 3.49
C LEU B 119 3.94 -1.60 3.94
N GLY B 120 4.45 -2.67 3.34
CA GLY B 120 4.00 -3.99 3.77
C GLY B 120 4.72 -5.15 3.10
N GLY B 121 5.12 -6.13 3.90
CA GLY B 121 5.81 -7.27 3.34
C GLY B 121 5.93 -8.41 4.34
N VAL B 122 6.30 -9.59 3.84
CA VAL B 122 6.47 -10.80 4.64
C VAL B 122 7.94 -11.00 4.98
N PHE B 123 8.19 -11.27 6.26
CA PHE B 123 9.54 -11.45 6.77
C PHE B 123 9.66 -12.57 7.78
N GLN B 124 10.78 -13.31 7.70
CA GLN B 124 11.08 -14.37 8.66
C GLN B 124 11.71 -13.65 9.87
N LEU B 125 11.03 -13.71 11.02
CA LEU B 125 11.55 -13.07 12.22
C LEU B 125 11.83 -14.10 13.32
N GLU B 126 12.57 -13.68 14.33
CA GLU B 126 12.87 -14.56 15.45
C GLU B 126 12.21 -14.04 16.73
N LYS B 127 11.94 -14.95 17.65
CA LYS B 127 11.34 -14.63 18.94
C LYS B 127 12.09 -13.48 19.57
N GLY B 128 11.36 -12.49 20.06
CA GLY B 128 11.99 -11.35 20.70
C GLY B 128 12.40 -10.21 19.77
N ASP B 129 12.31 -10.40 18.46
CA ASP B 129 12.68 -9.33 17.54
C ASP B 129 11.75 -8.12 17.75
N GLN B 130 12.34 -6.92 17.69
CA GLN B 130 11.58 -5.68 17.88
C GLN B 130 11.37 -4.95 16.56
N LEU B 131 10.10 -4.72 16.19
CA LEU B 131 9.76 -4.01 14.97
C LEU B 131 9.33 -2.58 15.27
N SER B 132 9.87 -1.62 14.53
CA SER B 132 9.49 -0.24 14.74
C SER B 132 8.97 0.35 13.41
N ALA B 133 8.01 1.25 13.52
CA ALA B 133 7.45 1.90 12.34
C ALA B 133 7.55 3.37 12.73
N GLU B 134 8.44 4.11 12.06
CA GLU B 134 8.66 5.50 12.41
C GLU B 134 8.71 6.40 11.19
N VAL B 135 8.63 7.70 11.45
CA VAL B 135 8.70 8.72 10.41
C VAL B 135 9.83 9.67 10.83
N ASN B 136 10.48 10.34 9.87
CA ASN B 136 11.56 11.25 10.23
C ASN B 136 11.07 12.56 10.83
N LEU B 137 9.91 13.04 10.37
CA LEU B 137 9.32 14.32 10.79
C LEU B 137 7.87 14.13 11.22
N PRO B 138 7.66 13.60 12.44
CA PRO B 138 6.30 13.38 12.94
C PRO B 138 5.43 14.62 13.10
N LYS B 139 6.02 15.81 12.99
CA LYS B 139 5.24 17.05 13.11
C LYS B 139 4.20 17.19 12.01
N TYR B 140 4.40 16.47 10.90
CA TYR B 140 3.47 16.52 9.79
C TYR B 140 2.44 15.39 9.79
N LEU B 141 2.44 14.55 10.81
CA LEU B 141 1.46 13.45 10.86
C LEU B 141 0.06 13.98 11.05
N ASP B 142 -0.88 13.31 10.40
CA ASP B 142 -2.28 13.68 10.48
C ASP B 142 -3.07 12.50 11.02
N PHE B 143 -3.50 12.62 12.27
CA PHE B 143 -4.31 11.55 12.83
C PHE B 143 -5.58 12.11 13.47
N ALA B 144 -6.16 13.05 12.74
CA ALA B 144 -7.39 13.74 13.10
C ALA B 144 -8.58 12.80 13.00
N GLU B 145 -8.52 11.88 12.04
CA GLU B 145 -9.56 10.88 11.79
C GLU B 145 -8.96 9.48 12.01
N SER B 146 -9.79 8.55 12.47
CA SER B 146 -9.31 7.20 12.71
C SER B 146 -8.95 6.51 11.39
N GLY B 147 -8.08 5.51 11.49
CA GLY B 147 -7.69 4.72 10.32
C GLY B 147 -6.63 5.28 9.40
N GLN B 148 -6.02 6.39 9.79
CA GLN B 148 -5.02 7.05 8.94
C GLN B 148 -3.57 6.67 9.20
N VAL B 149 -3.26 6.30 10.44
CA VAL B 149 -1.90 5.94 10.84
C VAL B 149 -1.98 4.66 11.65
N TYR B 150 -1.31 3.61 11.16
CA TYR B 150 -1.34 2.31 11.80
C TYR B 150 -0.10 1.47 11.52
N PHE B 151 0.06 0.41 12.29
CA PHE B 151 1.22 -0.45 12.23
C PHE B 151 0.75 -1.84 12.67
N GLY B 152 0.98 -2.83 11.81
CA GLY B 152 0.52 -4.18 12.14
C GLY B 152 1.48 -5.30 11.84
N VAL B 153 1.21 -6.43 12.49
CA VAL B 153 2.01 -7.65 12.32
C VAL B 153 1.04 -8.82 12.45
N ILE B 154 1.21 -9.80 11.59
CA ILE B 154 0.36 -10.98 11.65
C ILE B 154 1.17 -12.21 11.31
N ALA B 155 1.22 -13.14 12.25
CA ALA B 155 1.95 -14.38 12.02
C ALA B 155 1.27 -15.16 10.89
N LEU B 156 2.09 -15.65 9.95
CA LEU B 156 1.56 -16.43 8.85
C LEU B 156 1.44 -17.92 9.21
N SER C 9 1.76 -28.74 4.12
CA SER C 9 3.24 -28.59 4.18
C SER C 9 3.66 -27.13 4.48
N ASP C 10 4.96 -26.82 4.39
CA ASP C 10 5.44 -25.45 4.64
C ASP C 10 5.12 -24.56 3.45
N LYS C 11 4.62 -23.37 3.75
CA LYS C 11 4.18 -22.40 2.74
C LYS C 11 5.18 -21.79 1.76
N PRO C 12 4.92 -21.94 0.44
CA PRO C 12 5.79 -21.36 -0.60
C PRO C 12 5.78 -19.88 -0.28
N VAL C 13 6.95 -19.27 -0.28
CA VAL C 13 7.06 -17.88 0.08
C VAL C 13 8.24 -17.23 -0.64
N ALA C 14 8.08 -15.96 -0.96
CA ALA C 14 9.13 -15.19 -1.60
C ALA C 14 8.95 -13.74 -1.26
N HIS C 15 10.06 -13.07 -0.98
CA HIS C 15 10.09 -11.65 -0.76
C HIS C 15 11.44 -11.28 -1.33
N VAL C 16 11.44 -10.76 -2.56
CA VAL C 16 12.67 -10.39 -3.23
C VAL C 16 12.83 -8.88 -3.24
N VAL C 17 14.07 -8.43 -3.31
CA VAL C 17 14.41 -7.00 -3.29
C VAL C 17 15.20 -6.57 -4.53
N ALA C 18 15.12 -5.29 -4.90
CA ALA C 18 15.85 -4.83 -6.07
C ALA C 18 17.36 -4.82 -5.84
N ASN C 19 18.11 -5.13 -6.91
CA ASN C 19 19.56 -5.10 -6.85
C ASN C 19 19.95 -3.62 -6.90
N HIS C 20 20.55 -3.11 -5.83
CA HIS C 20 20.94 -1.71 -5.78
C HIS C 20 22.19 -1.38 -6.59
N GLN C 21 22.92 -2.41 -7.01
CA GLN C 21 24.16 -2.21 -7.76
C GLN C 21 23.96 -2.01 -9.26
N VAL C 22 22.72 -2.14 -9.72
CA VAL C 22 22.40 -1.92 -11.13
C VAL C 22 21.42 -0.73 -11.27
N GLU C 23 21.97 0.46 -11.50
CA GLU C 23 21.14 1.63 -11.64
C GLU C 23 20.33 1.66 -12.93
N GLU C 24 19.12 2.22 -12.83
CA GLU C 24 18.19 2.35 -13.95
C GLU C 24 17.54 1.08 -14.47
N GLN C 25 17.72 -0.03 -13.75
CA GLN C 25 17.09 -1.30 -14.12
C GLN C 25 16.57 -2.02 -12.87
N LEU C 26 15.56 -2.88 -13.05
CA LEU C 26 14.93 -3.61 -11.95
C LEU C 26 15.25 -5.08 -11.97
N GLU C 27 16.22 -5.49 -11.17
CA GLU C 27 16.62 -6.89 -11.07
C GLU C 27 16.31 -7.40 -9.67
N TRP C 28 15.41 -8.37 -9.57
CA TRP C 28 15.01 -8.92 -8.28
C TRP C 28 16.04 -9.91 -7.74
N LEU C 29 16.34 -9.80 -6.45
CA LEU C 29 17.31 -10.67 -5.78
C LEU C 29 16.67 -11.37 -4.58
N SER C 30 17.12 -12.59 -4.30
CA SER C 30 16.59 -13.34 -3.16
C SER C 30 17.64 -13.69 -2.12
N GLN C 31 18.90 -13.64 -2.51
CA GLN C 31 20.02 -14.00 -1.63
C GLN C 31 20.59 -12.81 -0.86
N ARG C 32 19.70 -12.12 -0.14
CA ARG C 32 20.02 -10.95 0.66
C ARG C 32 19.34 -11.13 2.02
N ALA C 33 19.84 -10.42 3.02
CA ALA C 33 19.26 -10.49 4.35
C ALA C 33 17.86 -9.90 4.26
N ASN C 34 16.92 -10.55 4.96
CA ASN C 34 15.51 -10.12 5.00
C ASN C 34 14.80 -10.30 3.67
N ALA C 35 15.32 -11.24 2.87
CA ALA C 35 14.75 -11.62 1.59
C ALA C 35 14.47 -13.12 1.72
N LEU C 36 13.46 -13.60 1.01
CA LEU C 36 13.05 -14.99 1.07
C LEU C 36 12.73 -15.58 -0.31
N LEU C 37 13.00 -16.86 -0.45
CA LEU C 37 12.67 -17.62 -1.65
C LEU C 37 12.75 -19.06 -1.16
N ALA C 38 11.59 -19.59 -0.76
CA ALA C 38 11.55 -20.93 -0.18
C ALA C 38 10.29 -21.75 -0.45
N ASN C 39 10.37 -23.00 0.00
CA ASN C 39 9.28 -23.97 -0.10
C ASN C 39 8.65 -24.15 -1.47
N GLY C 40 9.47 -24.07 -2.52
CA GLY C 40 8.95 -24.27 -3.86
C GLY C 40 8.83 -23.05 -4.74
N MET C 41 8.92 -21.85 -4.16
CA MET C 41 8.86 -20.62 -4.97
C MET C 41 10.14 -20.56 -5.77
N ASP C 42 10.03 -20.13 -7.02
CA ASP C 42 11.21 -20.04 -7.86
C ASP C 42 11.32 -18.63 -8.45
N LEU C 43 12.56 -18.21 -8.67
CA LEU C 43 12.86 -16.89 -9.27
C LEU C 43 13.58 -17.22 -10.56
N LYS C 44 12.90 -17.00 -11.67
CA LYS C 44 13.45 -17.31 -12.98
C LYS C 44 13.16 -16.20 -13.98
N ASP C 45 14.20 -15.70 -14.64
CA ASP C 45 14.05 -14.63 -15.61
C ASP C 45 13.32 -13.43 -15.03
N ASN C 46 13.72 -13.10 -13.80
CA ASN C 46 13.19 -11.99 -13.05
C ASN C 46 11.71 -12.12 -12.67
N GLN C 47 11.17 -13.32 -12.74
CA GLN C 47 9.78 -13.56 -12.40
C GLN C 47 9.63 -14.62 -11.30
N LEU C 48 8.59 -14.44 -10.47
CA LEU C 48 8.30 -15.37 -9.38
C LEU C 48 7.35 -16.44 -9.89
N VAL C 49 7.80 -17.69 -9.81
CA VAL C 49 7.02 -18.83 -10.30
C VAL C 49 6.45 -19.63 -9.13
N VAL C 50 5.12 -19.80 -9.12
CA VAL C 50 4.44 -20.56 -8.07
C VAL C 50 4.49 -22.05 -8.39
N PRO C 51 4.72 -22.87 -7.37
CA PRO C 51 4.81 -24.31 -7.58
C PRO C 51 3.52 -25.13 -7.58
N ALA C 52 2.40 -24.49 -7.25
CA ALA C 52 1.13 -25.21 -7.17
C ALA C 52 -0.09 -24.31 -7.27
N ASP C 53 -1.22 -24.93 -7.58
CA ASP C 53 -2.50 -24.24 -7.67
C ASP C 53 -2.82 -23.80 -6.24
N GLY C 54 -3.44 -22.65 -6.09
CA GLY C 54 -3.78 -22.18 -4.76
C GLY C 54 -3.89 -20.68 -4.69
N LEU C 55 -4.23 -20.21 -3.48
CA LEU C 55 -4.37 -18.80 -3.20
C LEU C 55 -3.03 -18.25 -2.74
N TYR C 56 -2.71 -17.05 -3.22
CA TYR C 56 -1.45 -16.42 -2.89
C TYR C 56 -1.65 -14.94 -2.69
N LEU C 57 -0.94 -14.41 -1.70
CA LEU C 57 -0.92 -12.96 -1.47
C LEU C 57 0.26 -12.52 -2.34
N VAL C 58 0.02 -11.54 -3.19
CA VAL C 58 1.04 -11.04 -4.09
C VAL C 58 1.12 -9.53 -3.88
N TYR C 59 2.33 -9.02 -3.65
CA TYR C 59 2.49 -7.59 -3.41
C TYR C 59 3.82 -7.08 -3.94
N SER C 60 3.89 -5.77 -4.15
CA SER C 60 5.14 -5.18 -4.60
C SER C 60 5.13 -3.68 -4.34
N GLN C 61 6.31 -3.12 -4.10
CA GLN C 61 6.47 -1.70 -3.91
C GLN C 61 7.64 -1.22 -4.74
N VAL C 62 7.51 -0.02 -5.29
CA VAL C 62 8.61 0.62 -6.00
C VAL C 62 8.70 2.05 -5.49
N LEU C 63 9.89 2.65 -5.61
CA LEU C 63 10.10 4.04 -5.23
C LEU C 63 10.81 4.68 -6.42
N PHE C 64 10.25 5.79 -6.89
CA PHE C 64 10.81 6.55 -8.03
C PHE C 64 11.37 7.87 -7.51
N LYS C 65 12.36 8.39 -8.21
CA LYS C 65 12.97 9.66 -7.84
C LYS C 65 13.39 10.35 -9.14
N GLY C 66 13.35 11.67 -9.14
CA GLY C 66 13.76 12.45 -10.29
C GLY C 66 14.12 13.86 -9.85
N GLN C 67 14.76 14.61 -10.73
CA GLN C 67 15.11 15.98 -10.38
C GLN C 67 14.91 16.94 -11.54
N GLY C 68 14.20 18.03 -11.30
CA GLY C 68 13.99 19.03 -12.34
C GLY C 68 12.85 18.96 -13.34
N CYS C 69 12.21 17.80 -13.48
CA CYS C 69 11.08 17.64 -14.41
C CYS C 69 11.22 18.08 -15.90
N PRO C 70 12.35 17.74 -16.58
CA PRO C 70 12.52 18.14 -17.99
C PRO C 70 11.50 17.49 -18.94
N ASP C 71 10.93 16.36 -18.51
CA ASP C 71 9.93 15.64 -19.29
C ASP C 71 8.72 15.36 -18.43
N TYR C 72 7.56 15.39 -19.07
CA TYR C 72 6.31 15.06 -18.39
C TYR C 72 6.27 13.53 -18.50
N VAL C 73 6.36 12.88 -17.36
CA VAL C 73 6.36 11.41 -17.36
C VAL C 73 5.19 10.79 -16.61
N LEU C 74 4.73 9.65 -17.12
CA LEU C 74 3.69 8.88 -16.45
C LEU C 74 4.40 7.62 -15.99
N LEU C 75 4.48 7.43 -14.68
CA LEU C 75 5.16 6.28 -14.10
C LEU C 75 4.15 5.19 -13.79
N THR C 76 4.44 3.97 -14.22
CA THR C 76 3.52 2.86 -13.95
C THR C 76 4.24 1.72 -13.26
N HIS C 77 3.49 1.00 -12.42
CA HIS C 77 3.99 -0.15 -11.69
C HIS C 77 2.91 -1.20 -11.88
N THR C 78 3.30 -2.41 -12.32
CA THR C 78 2.31 -3.44 -12.59
C THR C 78 2.78 -4.83 -12.22
N VAL C 79 1.89 -5.60 -11.58
CA VAL C 79 2.17 -6.99 -11.24
C VAL C 79 1.28 -7.78 -12.19
N SER C 80 1.90 -8.63 -13.01
CA SER C 80 1.18 -9.41 -14.02
C SER C 80 1.28 -10.90 -13.80
N ARG C 81 0.35 -11.60 -14.44
CA ARG C 81 0.28 -13.06 -14.39
C ARG C 81 0.50 -13.57 -15.81
N PHE C 82 1.41 -14.53 -15.94
CA PHE C 82 1.70 -15.16 -17.23
C PHE C 82 1.49 -16.65 -17.03
N ALA C 83 0.53 -17.20 -17.77
CA ALA C 83 0.20 -18.62 -17.67
C ALA C 83 0.72 -19.45 -18.84
N ILE C 84 0.97 -20.73 -18.57
CA ILE C 84 1.43 -21.67 -19.62
C ILE C 84 0.14 -22.39 -20.05
N SER C 85 -0.77 -21.61 -20.61
CA SER C 85 -2.07 -22.06 -21.07
C SER C 85 -2.67 -20.82 -21.72
N TYR C 86 -2.16 -19.66 -21.31
CA TYR C 86 -2.56 -18.35 -21.81
C TYR C 86 -1.25 -17.55 -21.89
N GLN C 87 -0.48 -17.84 -22.93
CA GLN C 87 0.83 -17.24 -23.17
C GLN C 87 0.88 -15.72 -23.37
N GLU C 88 0.19 -14.96 -22.53
CA GLU C 88 0.16 -13.50 -22.61
C GLU C 88 -0.08 -12.88 -21.23
N LYS C 89 0.63 -11.80 -20.92
CA LYS C 89 0.49 -11.13 -19.62
C LYS C 89 -0.85 -10.48 -19.36
N VAL C 90 -1.34 -10.65 -18.12
CA VAL C 90 -2.59 -10.05 -17.68
C VAL C 90 -2.29 -9.31 -16.37
N ASN C 91 -2.81 -8.09 -16.26
CA ASN C 91 -2.62 -7.27 -15.08
C ASN C 91 -3.34 -7.85 -13.88
N LEU C 92 -2.63 -8.03 -12.77
CA LEU C 92 -3.28 -8.47 -11.51
C LEU C 92 -3.45 -7.20 -10.65
N LEU C 93 -2.43 -6.36 -10.65
CA LEU C 93 -2.40 -5.12 -9.86
C LEU C 93 -1.64 -4.09 -10.68
N SER C 94 -2.09 -2.84 -10.64
CA SER C 94 -1.39 -1.79 -11.40
C SER C 94 -1.76 -0.41 -10.88
N ALA C 95 -0.82 0.53 -11.03
CA ALA C 95 -1.05 1.91 -10.62
C ALA C 95 -0.20 2.83 -11.47
N VAL C 96 -0.61 4.09 -11.52
CA VAL C 96 0.06 5.12 -12.32
C VAL C 96 0.23 6.34 -11.44
N LYS C 97 1.33 7.06 -11.65
CA LYS C 97 1.63 8.30 -10.96
C LYS C 97 2.24 9.27 -11.94
N SER C 98 1.94 10.55 -11.75
CA SER C 98 2.47 11.63 -12.58
C SER C 98 3.22 12.57 -11.65
N PRO C 99 4.56 12.46 -11.60
CA PRO C 99 5.37 13.31 -10.72
C PRO C 99 5.71 14.71 -11.25
N CYS C 100 5.43 14.95 -12.54
CA CYS C 100 5.81 16.21 -13.20
C CYS C 100 4.79 16.86 -14.16
N PRO C 101 5.08 18.12 -14.55
CA PRO C 101 4.30 18.96 -15.48
C PRO C 101 5.15 18.90 -16.78
N LYS C 102 4.64 19.36 -17.93
CA LYS C 102 5.42 19.31 -19.18
C LYS C 102 6.86 19.82 -19.03
N ASP C 103 7.02 20.80 -18.14
CA ASP C 103 8.31 21.42 -17.84
C ASP C 103 8.16 22.23 -16.55
N THR C 104 9.28 22.70 -16.02
CA THR C 104 9.30 23.51 -14.79
C THR C 104 8.42 24.77 -14.93
N PRO C 105 7.68 25.15 -13.87
CA PRO C 105 6.80 26.33 -13.88
C PRO C 105 7.48 27.55 -14.50
N GLU C 106 8.52 28.06 -13.83
CA GLU C 106 9.26 29.21 -14.33
C GLU C 106 10.75 28.89 -14.29
N GLY C 107 11.45 29.22 -15.38
CA GLY C 107 12.87 28.96 -15.47
C GLY C 107 13.20 27.49 -15.43
N ALA C 108 13.56 27.00 -14.24
CA ALA C 108 13.90 25.59 -14.03
C ALA C 108 14.04 25.22 -12.55
N GLU C 109 13.17 24.32 -12.09
CA GLU C 109 13.17 23.85 -10.69
C GLU C 109 14.42 22.99 -10.48
N LEU C 110 14.78 22.75 -9.22
CA LEU C 110 16.00 21.99 -8.96
C LEU C 110 15.91 20.97 -7.81
N LYS C 111 14.74 20.85 -7.19
CA LYS C 111 14.59 19.90 -6.07
C LYS C 111 14.12 18.52 -6.50
N PRO C 112 14.70 17.47 -5.92
CA PRO C 112 14.26 16.12 -6.30
C PRO C 112 12.87 15.74 -5.80
N TRP C 113 12.14 15.02 -6.63
CA TRP C 113 10.81 14.53 -6.25
C TRP C 113 10.95 13.04 -5.96
N TYR C 114 10.04 12.51 -5.15
CA TYR C 114 10.06 11.09 -4.78
C TYR C 114 8.63 10.61 -4.84
N GLU C 115 8.42 9.42 -5.42
CA GLU C 115 7.08 8.87 -5.49
C GLU C 115 7.05 7.35 -5.32
N PRO C 116 6.40 6.86 -4.24
CA PRO C 116 6.31 5.40 -4.02
C PRO C 116 4.99 4.87 -4.56
N ILE C 117 4.97 3.59 -4.90
CA ILE C 117 3.74 2.94 -5.33
C ILE C 117 3.73 1.58 -4.66
N TYR C 118 2.61 1.25 -4.03
CA TYR C 118 2.40 -0.05 -3.39
C TYR C 118 1.21 -0.79 -4.07
N LEU C 119 1.39 -2.08 -4.29
CA LEU C 119 0.37 -2.93 -4.90
C LEU C 119 0.26 -4.21 -4.06
N GLY C 120 -0.95 -4.74 -3.89
CA GLY C 120 -1.07 -5.97 -3.10
C GLY C 120 -2.47 -6.55 -3.12
N GLY C 121 -2.57 -7.87 -3.27
CA GLY C 121 -3.88 -8.51 -3.30
C GLY C 121 -3.75 -10.03 -3.31
N VAL C 122 -4.86 -10.70 -3.06
CA VAL C 122 -4.91 -12.17 -3.05
C VAL C 122 -5.48 -12.69 -4.36
N PHE C 123 -4.81 -13.70 -4.91
CA PHE C 123 -5.19 -14.27 -6.20
C PHE C 123 -5.11 -15.79 -6.23
N GLN C 124 -6.04 -16.41 -6.97
CA GLN C 124 -6.02 -17.87 -7.18
C GLN C 124 -5.12 -18.04 -8.41
N LEU C 125 -4.06 -18.82 -8.27
CA LEU C 125 -3.14 -19.02 -9.38
C LEU C 125 -2.94 -20.49 -9.64
N GLU C 126 -2.37 -20.80 -10.79
CA GLU C 126 -2.09 -22.20 -11.14
C GLU C 126 -0.60 -22.53 -11.15
N LYS C 127 -0.31 -23.79 -10.88
CA LYS C 127 1.06 -24.29 -10.88
C LYS C 127 1.80 -23.79 -12.14
N GLY C 128 3.00 -23.26 -11.95
CA GLY C 128 3.76 -22.79 -13.09
C GLY C 128 3.52 -21.37 -13.54
N ASP C 129 2.48 -20.73 -13.00
CA ASP C 129 2.19 -19.33 -13.34
C ASP C 129 3.39 -18.46 -12.97
N GLN C 130 3.74 -17.54 -13.85
CA GLN C 130 4.86 -16.65 -13.60
C GLN C 130 4.34 -15.24 -13.31
N LEU C 131 4.80 -14.70 -12.20
CA LEU C 131 4.40 -13.37 -11.78
C LEU C 131 5.55 -12.38 -11.97
N SER C 132 5.24 -11.26 -12.60
CA SER C 132 6.24 -10.24 -12.81
C SER C 132 5.80 -8.93 -12.13
N ALA C 133 6.77 -8.20 -11.60
CA ALA C 133 6.52 -6.91 -10.95
C ALA C 133 7.49 -5.98 -11.71
N GLU C 134 6.92 -5.10 -12.53
CA GLU C 134 7.73 -4.24 -13.39
C GLU C 134 7.21 -2.81 -13.50
N VAL C 135 8.10 -1.90 -13.91
CA VAL C 135 7.73 -0.51 -14.10
C VAL C 135 8.01 -0.15 -15.55
N ASN C 136 7.33 0.87 -16.06
CA ASN C 136 7.53 1.28 -17.45
C ASN C 136 8.85 2.01 -17.64
N LEU C 137 9.25 2.77 -16.61
CA LEU C 137 10.46 3.58 -16.67
C LEU C 137 11.40 3.31 -15.48
N PRO C 138 12.16 2.19 -15.55
CA PRO C 138 13.08 1.84 -14.46
C PRO C 138 14.24 2.82 -14.20
N LYS C 139 14.48 3.75 -15.14
CA LYS C 139 15.55 4.73 -14.97
C LYS C 139 15.28 5.62 -13.78
N TYR C 140 14.01 5.73 -13.37
CA TYR C 140 13.67 6.58 -12.22
C TYR C 140 13.63 5.86 -10.87
N LEU C 141 13.90 4.56 -10.87
CA LEU C 141 13.86 3.80 -9.62
C LEU C 141 14.96 4.24 -8.65
N ASP C 142 14.64 4.26 -7.36
CA ASP C 142 15.60 4.63 -6.33
C ASP C 142 15.84 3.46 -5.37
N PHE C 143 17.09 3.02 -5.30
CA PHE C 143 17.51 1.88 -4.45
C PHE C 143 18.51 2.37 -3.42
N ALA C 144 18.55 3.68 -3.17
CA ALA C 144 19.50 4.30 -2.24
C ALA C 144 19.48 3.73 -0.83
N GLU C 145 18.36 3.13 -0.46
CA GLU C 145 18.23 2.56 0.87
C GLU C 145 17.49 1.23 0.74
N SER C 146 17.71 0.37 1.73
CA SER C 146 17.06 -0.93 1.80
C SER C 146 15.56 -0.76 2.05
N GLY C 147 14.79 -1.72 1.59
CA GLY C 147 13.34 -1.73 1.81
C GLY C 147 12.47 -0.84 0.94
N GLN C 148 13.05 -0.21 -0.07
CA GLN C 148 12.28 0.69 -0.92
C GLN C 148 11.63 0.04 -2.11
N VAL C 149 12.25 -1.03 -2.62
CA VAL C 149 11.75 -1.74 -3.80
C VAL C 149 11.74 -3.24 -3.54
N TYR C 150 10.56 -3.84 -3.61
CA TYR C 150 10.39 -5.26 -3.30
C TYR C 150 9.19 -5.90 -3.99
N PHE C 151 9.16 -7.22 -3.96
CA PHE C 151 8.15 -8.00 -4.63
C PHE C 151 8.02 -9.29 -3.82
N GLY C 152 6.78 -9.61 -3.42
CA GLY C 152 6.57 -10.81 -2.62
C GLY C 152 5.36 -11.58 -3.03
N VAL C 153 5.39 -12.86 -2.70
CA VAL C 153 4.32 -13.81 -2.98
C VAL C 153 4.30 -14.82 -1.85
N ILE C 154 3.14 -15.00 -1.21
CA ILE C 154 3.09 -16.01 -0.17
C ILE C 154 1.83 -16.84 -0.25
N ALA C 155 2.02 -18.17 -0.25
CA ALA C 155 0.92 -19.09 -0.32
C ALA C 155 0.09 -18.98 0.94
N LEU C 156 -1.22 -18.94 0.78
CA LEU C 156 -2.10 -18.88 1.93
C LEU C 156 -2.50 -20.30 2.30
#